data_3WNB
#
_entry.id   3WNB
#
_cell.length_a   62.061
_cell.length_b   108.703
_cell.length_c   58.315
_cell.angle_alpha   90.00
_cell.angle_beta   90.00
_cell.angle_gamma   90.00
#
_symmetry.space_group_name_H-M   'P 21 21 2'
#
loop_
_entity.id
_entity.type
_entity.pdbx_description
1 polymer 'Protein translation elongation factor 1A'
2 non-polymer 'PHOSPHOAMINOPHOSPHONIC ACID-GUANYLATE ESTER'
3 non-polymer 'MAGNESIUM ION'
4 water water
#
_entity_poly.entity_id   1
_entity_poly.type   'polypeptide(L)'
_entity_poly.pdbx_seq_one_letter_code
;(MSE)GSSHHHHHHSSGLVPRGSH(MSE)ANVAIIGTEKSGRTSLAANLGKKGTSSDIT(MSE)YNNDKEGRN(MSE)VF
VDAHSYPKTLKSLITALNISDIAVLCIPPQGLDAHTGECIIALDLLGFKHGIIALTRSDSTH(MSE)HAIDELKAKLKVI
TSGTVLQDWECISLNTNKSAKNPFEGVDELKARINEVAEKIEAENAELNSLPARIFIDHAFNVTGKGCVVLGVVKQGISK
DKDKTKIFPLDRDIEIRSIQSHDVDIDSAPAGTRVG(MSE)RLKNVQAKDIERGFIISDKEIVTTDYTLECTVSKFTKKI
EPASVLHLFVGLQSEPVRVEKILVDGNEVEEAKPGSTCVLELSGNKKLAYSKQDRFLLANLDLTQRFAAYGFSK
;
_entity_poly.pdbx_strand_id   A
#
loop_
_chem_comp.id
_chem_comp.type
_chem_comp.name
_chem_comp.formula
GNP non-polymer 'PHOSPHOAMINOPHOSPHONIC ACID-GUANYLATE ESTER' 'C10 H17 N6 O13 P3'
MG non-polymer 'MAGNESIUM ION' 'Mg 2'
#
# COMPACT_ATOMS: atom_id res chain seq x y z
N HIS A 10 -23.61 18.47 -9.47
CA HIS A 10 -23.08 19.79 -8.98
C HIS A 10 -21.86 19.59 -8.09
N SER A 11 -20.82 20.40 -8.31
CA SER A 11 -19.62 20.31 -7.47
C SER A 11 -18.98 21.66 -7.23
N SER A 12 -17.99 21.69 -6.34
CA SER A 12 -17.29 22.92 -5.99
C SER A 12 -16.42 23.40 -7.13
N GLY A 13 -16.05 24.68 -7.10
CA GLY A 13 -15.07 25.25 -8.01
C GLY A 13 -15.58 25.44 -9.43
N LEU A 14 -14.64 25.62 -10.34
CA LEU A 14 -14.94 26.04 -11.71
C LEU A 14 -14.88 24.90 -12.70
N VAL A 15 -14.38 23.77 -12.23
CA VAL A 15 -14.18 22.61 -13.05
C VAL A 15 -14.22 21.47 -12.06
N PRO A 16 -14.88 20.36 -12.43
CA PRO A 16 -14.88 19.19 -11.55
C PRO A 16 -13.46 18.65 -11.46
N ARG A 17 -13.17 17.91 -10.39
CA ARG A 17 -11.86 17.29 -10.31
C ARG A 17 -11.79 16.16 -11.34
N GLY A 18 -12.94 15.55 -11.60
CA GLY A 18 -13.12 14.61 -12.71
C GLY A 18 -12.26 13.37 -12.64
N SER A 19 -12.44 12.58 -11.57
CA SER A 19 -11.70 11.32 -11.36
C SER A 19 -10.20 11.45 -11.56
N HIS A 20 -9.77 11.22 -12.80
CA HIS A 20 -8.40 10.89 -13.17
C HIS A 20 -7.39 10.95 -12.03
N MSE A 21 -7.12 9.80 -11.46
CA MSE A 21 -6.05 9.68 -10.49
C MSE A 21 -5.40 8.31 -10.52
O MSE A 21 -5.94 7.35 -11.07
CB MSE A 21 -6.52 10.01 -9.07
CG MSE A 21 -7.33 8.93 -8.41
SE MSE A 21 -9.20 9.48 -8.26
CE MSE A 21 -8.97 11.30 -7.56
N ALA A 22 -4.21 8.23 -9.93
CA ALA A 22 -3.47 6.99 -9.85
C ALA A 22 -2.59 7.09 -8.63
N ASN A 23 -2.76 6.15 -7.71
CA ASN A 23 -1.86 6.06 -6.58
C ASN A 23 -0.96 4.87 -6.82
N VAL A 24 0.33 5.17 -6.99
CA VAL A 24 1.33 4.17 -7.40
C VAL A 24 2.40 3.97 -6.34
N ALA A 25 2.70 2.71 -6.02
CA ALA A 25 3.80 2.38 -5.12
C ALA A 25 5.01 1.98 -5.97
N ILE A 26 6.16 2.58 -5.70
CA ILE A 26 7.39 2.21 -6.38
C ILE A 26 8.23 1.49 -5.34
N ILE A 27 8.49 0.20 -5.57
CA ILE A 27 9.08 -0.66 -4.55
C ILE A 27 10.18 -1.51 -5.14
N GLY A 28 10.95 -2.16 -4.28
CA GLY A 28 11.90 -3.16 -4.74
C GLY A 28 13.12 -3.21 -3.86
N THR A 29 14.10 -3.99 -4.29
CA THR A 29 15.30 -4.27 -3.49
C THR A 29 16.27 -3.08 -3.43
N GLU A 30 17.35 -3.22 -2.69
CA GLU A 30 18.39 -2.19 -2.63
C GLU A 30 19.05 -1.97 -3.99
N LYS A 31 19.44 -0.73 -4.26
CA LYS A 31 20.11 -0.37 -5.53
C LYS A 31 19.33 -0.84 -6.75
N SER A 32 18.00 -0.72 -6.69
CA SER A 32 17.17 -1.08 -7.84
C SER A 32 16.70 0.14 -8.66
N GLY A 33 17.14 1.33 -8.28
CA GLY A 33 16.75 2.56 -8.98
C GLY A 33 15.38 3.11 -8.58
N ARG A 34 14.84 2.63 -7.45
CA ARG A 34 13.49 3.03 -7.00
C ARG A 34 13.38 4.52 -6.79
N THR A 35 14.25 5.09 -5.96
CA THR A 35 14.14 6.52 -5.65
C THR A 35 14.32 7.35 -6.91
N SER A 36 15.31 6.97 -7.73
CA SER A 36 15.58 7.71 -8.96
C SER A 36 14.37 7.71 -9.87
N LEU A 37 13.70 6.57 -10.00
CA LEU A 37 12.51 6.48 -10.82
C LEU A 37 11.38 7.38 -10.27
N ALA A 38 11.07 7.23 -8.98
CA ALA A 38 9.99 7.99 -8.36
C ALA A 38 10.28 9.49 -8.49
N ALA A 39 11.51 9.89 -8.18
CA ALA A 39 11.91 11.30 -8.14
C ALA A 39 11.82 11.91 -9.55
N ASN A 40 11.94 11.09 -10.58
CA ASN A 40 11.78 11.58 -11.95
C ASN A 40 10.36 11.50 -12.49
N LEU A 41 9.44 10.99 -11.65
CA LEU A 41 8.03 10.86 -12.05
C LEU A 41 7.13 11.93 -11.45
N GLY A 42 7.61 12.63 -10.43
CA GLY A 42 6.83 13.67 -9.79
C GLY A 42 7.68 14.53 -8.90
N LYS A 43 7.05 15.54 -8.30
CA LYS A 43 7.72 16.45 -7.36
C LYS A 43 7.66 16.00 -5.91
N LYS A 44 8.80 16.04 -5.24
CA LYS A 44 8.93 15.58 -3.87
C LYS A 44 7.95 16.32 -2.95
N GLY A 45 7.18 15.54 -2.19
CA GLY A 45 6.19 16.11 -1.29
C GLY A 45 6.44 15.56 0.09
N THR A 46 5.36 15.07 0.71
CA THR A 46 5.43 14.50 2.05
C THR A 46 6.48 13.41 2.14
N SER A 47 7.27 13.46 3.21
CA SER A 47 8.39 12.57 3.38
C SER A 47 8.53 12.19 4.84
N SER A 48 8.37 10.89 5.12
CA SER A 48 8.56 10.33 6.46
C SER A 48 9.46 9.07 6.35
N ASP A 49 8.88 7.89 6.57
CA ASP A 49 9.58 6.64 6.28
C ASP A 49 9.26 6.21 4.86
N ILE A 50 8.28 6.89 4.27
CA ILE A 50 7.97 6.82 2.83
C ILE A 50 7.98 8.24 2.27
N THR A 51 8.16 8.37 0.96
CA THR A 51 8.12 9.69 0.31
C THR A 51 7.15 9.74 -0.86
N MSE A 52 6.30 10.78 -0.87
CA MSE A 52 5.35 10.98 -1.93
C MSE A 52 6.03 11.83 -2.99
O MSE A 52 6.69 12.81 -2.65
CB MSE A 52 4.12 11.76 -1.46
CG MSE A 52 3.85 11.66 0.01
SE MSE A 52 3.65 9.82 0.60
CE MSE A 52 1.88 9.47 -0.12
N TYR A 53 5.84 11.45 -4.24
CA TYR A 53 6.21 12.30 -5.34
C TYR A 53 4.95 12.55 -6.12
N ASN A 54 4.55 13.82 -6.14
CA ASN A 54 3.29 14.20 -6.76
C ASN A 54 3.40 14.68 -8.20
N ASN A 55 2.48 14.21 -9.02
CA ASN A 55 2.42 14.70 -10.37
C ASN A 55 0.98 14.83 -10.78
N ASP A 56 0.46 16.04 -10.69
CA ASP A 56 -0.89 16.34 -11.11
C ASP A 56 -0.78 17.26 -12.31
N LYS A 57 0.43 17.37 -12.85
CA LYS A 57 0.67 18.20 -14.02
C LYS A 57 0.43 17.48 -15.34
N GLU A 58 0.21 16.16 -15.30
CA GLU A 58 0.14 15.38 -16.56
C GLU A 58 -1.19 14.68 -16.84
N GLY A 59 -2.24 15.12 -16.15
CA GLY A 59 -3.58 14.68 -16.50
C GLY A 59 -4.27 14.08 -15.31
N ARG A 60 -3.69 13.00 -14.81
CA ARG A 60 -4.20 12.38 -13.60
C ARG A 60 -3.54 13.02 -12.43
N ASN A 61 -4.28 13.08 -11.32
CA ASN A 61 -3.69 13.39 -10.06
C ASN A 61 -2.91 12.15 -9.68
N MSE A 62 -1.65 12.10 -10.10
CA MSE A 62 -0.81 10.94 -9.78
C MSE A 62 0.01 11.17 -8.54
O MSE A 62 0.58 12.24 -8.35
CB MSE A 62 0.12 10.62 -10.92
CG MSE A 62 -0.59 10.11 -12.08
SE MSE A 62 0.61 8.85 -12.93
CE MSE A 62 -0.73 8.13 -14.17
N VAL A 63 0.10 10.14 -7.70
CA VAL A 63 1.00 10.15 -6.58
C VAL A 63 1.82 8.87 -6.62
N PHE A 64 3.14 9.03 -6.55
CA PHE A 64 4.08 7.92 -6.48
C PHE A 64 4.72 7.83 -5.11
N VAL A 65 4.54 6.69 -4.46
CA VAL A 65 5.08 6.51 -3.13
C VAL A 65 6.32 5.65 -3.20
N ASP A 66 7.41 6.23 -2.74
CA ASP A 66 8.70 5.55 -2.65
C ASP A 66 8.79 4.99 -1.26
N ALA A 67 8.78 3.66 -1.13
CA ALA A 67 8.98 3.00 0.15
C ALA A 67 10.47 2.97 0.50
N HIS A 68 11.03 4.14 0.80
CA HIS A 68 12.50 4.26 0.84
C HIS A 68 13.14 3.69 2.10
N SER A 69 12.33 3.35 3.11
CA SER A 69 12.85 2.72 4.31
C SER A 69 12.73 1.19 4.27
N TYR A 70 12.29 0.66 3.13
CA TYR A 70 12.39 -0.78 2.86
C TYR A 70 13.67 -1.00 2.06
N PRO A 71 14.43 -2.10 2.29
CA PRO A 71 14.15 -3.28 3.12
C PRO A 71 14.41 -3.20 4.62
N LYS A 72 14.93 -2.08 5.12
CA LYS A 72 15.16 -1.96 6.56
C LYS A 72 13.90 -2.27 7.35
N THR A 73 12.78 -1.63 7.00
CA THR A 73 11.51 -1.89 7.67
C THR A 73 10.47 -2.42 6.67
N LEU A 74 9.59 -3.32 7.12
CA LEU A 74 8.45 -3.74 6.33
C LEU A 74 7.33 -2.71 6.32
N LYS A 75 7.16 -1.99 7.43
CA LYS A 75 6.06 -1.04 7.48
C LYS A 75 6.14 -0.02 6.34
N SER A 76 7.35 0.35 5.90
CA SER A 76 7.52 1.28 4.80
C SER A 76 6.90 0.64 3.54
N LEU A 77 7.23 -0.62 3.28
CA LEU A 77 6.67 -1.33 2.14
C LEU A 77 5.14 -1.47 2.23
N ILE A 78 4.66 -1.97 3.37
CA ILE A 78 3.25 -2.26 3.55
C ILE A 78 2.39 -0.97 3.47
N THR A 79 2.89 0.11 4.07
CA THR A 79 2.19 1.41 3.99
C THR A 79 2.08 1.85 2.55
N ALA A 80 3.20 1.84 1.84
CA ALA A 80 3.19 2.23 0.44
C ALA A 80 2.15 1.40 -0.32
N LEU A 81 2.15 0.08 -0.08
CA LEU A 81 1.26 -0.78 -0.85
C LEU A 81 -0.20 -0.59 -0.43
N ASN A 82 -0.48 -0.48 0.87
CA ASN A 82 -1.87 -0.32 1.27
C ASN A 82 -2.50 1.08 1.02
N ILE A 83 -1.71 2.04 0.54
CA ILE A 83 -2.29 3.32 0.16
C ILE A 83 -2.29 3.47 -1.34
N SER A 84 -1.75 2.46 -2.03
CA SER A 84 -1.64 2.48 -3.50
C SER A 84 -2.55 1.48 -4.22
N ASP A 85 -2.85 1.76 -5.48
CA ASP A 85 -3.64 0.85 -6.30
C ASP A 85 -2.82 0.14 -7.36
N ILE A 86 -1.64 0.69 -7.65
CA ILE A 86 -0.75 0.12 -8.67
C ILE A 86 0.62 -0.02 -8.05
N ALA A 87 1.24 -1.18 -8.25
CA ALA A 87 2.61 -1.36 -7.79
C ALA A 87 3.59 -1.43 -8.95
N VAL A 88 4.72 -0.73 -8.81
CA VAL A 88 5.78 -0.84 -9.81
C VAL A 88 6.96 -1.48 -9.09
N LEU A 89 7.29 -2.72 -9.46
CA LEU A 89 8.37 -3.44 -8.80
C LEU A 89 9.65 -3.28 -9.61
N CYS A 90 10.65 -2.64 -9.00
CA CYS A 90 11.89 -2.33 -9.71
C CYS A 90 12.86 -3.46 -9.49
N ILE A 91 13.32 -4.05 -10.59
CA ILE A 91 14.32 -5.10 -10.50
C ILE A 91 15.51 -4.72 -11.39
N PRO A 92 16.70 -4.53 -10.79
CA PRO A 92 17.87 -4.14 -11.60
C PRO A 92 18.48 -5.36 -12.31
N PRO A 93 19.46 -5.14 -13.18
CA PRO A 93 20.08 -6.29 -13.86
C PRO A 93 20.68 -7.25 -12.82
N GLN A 94 20.51 -8.56 -13.03
CA GLN A 94 20.93 -9.61 -12.08
C GLN A 94 20.35 -9.37 -10.69
N GLY A 95 19.13 -8.82 -10.64
CA GLY A 95 18.56 -8.33 -9.38
C GLY A 95 17.63 -9.29 -8.68
N LEU A 96 17.73 -10.58 -9.02
CA LEU A 96 16.89 -11.63 -8.43
C LEU A 96 17.50 -12.03 -7.10
N ASP A 97 17.31 -11.17 -6.11
CA ASP A 97 17.93 -11.37 -4.80
C ASP A 97 16.86 -11.60 -3.73
N ALA A 98 17.27 -11.57 -2.47
CA ALA A 98 16.39 -11.94 -1.35
C ALA A 98 15.22 -10.96 -1.20
N HIS A 99 15.50 -9.68 -1.38
CA HIS A 99 14.47 -8.68 -1.18
C HIS A 99 13.56 -8.59 -2.38
N THR A 100 14.07 -8.85 -3.57
CA THR A 100 13.16 -8.97 -4.70
C THR A 100 12.16 -10.12 -4.45
N GLY A 101 12.64 -11.29 -4.01
CA GLY A 101 11.76 -12.43 -3.68
C GLY A 101 10.78 -12.04 -2.56
N GLU A 102 11.25 -11.32 -1.55
CA GLU A 102 10.35 -10.88 -0.46
C GLU A 102 9.25 -9.95 -0.97
N CYS A 103 9.59 -9.00 -1.84
CA CYS A 103 8.59 -8.12 -2.50
C CYS A 103 7.55 -8.89 -3.30
N ILE A 104 8.01 -9.87 -4.05
CA ILE A 104 7.11 -10.74 -4.81
C ILE A 104 6.16 -11.47 -3.87
N ILE A 105 6.71 -12.05 -2.81
CA ILE A 105 5.89 -12.76 -1.84
C ILE A 105 4.85 -11.81 -1.23
N ALA A 106 5.29 -10.64 -0.80
CA ALA A 106 4.39 -9.63 -0.22
C ALA A 106 3.23 -9.27 -1.12
N LEU A 107 3.54 -8.94 -2.39
CA LEU A 107 2.50 -8.60 -3.37
C LEU A 107 1.52 -9.74 -3.61
N ASP A 108 2.02 -10.96 -3.70
CA ASP A 108 1.17 -12.13 -3.84
C ASP A 108 0.31 -12.42 -2.58
N LEU A 109 0.88 -12.27 -1.38
CA LEU A 109 0.07 -12.39 -0.15
C LEU A 109 -1.02 -11.35 -0.03
N LEU A 110 -0.76 -10.16 -0.59
CA LEU A 110 -1.70 -9.04 -0.57
C LEU A 110 -2.79 -9.18 -1.61
N GLY A 111 -2.61 -10.13 -2.51
CA GLY A 111 -3.51 -10.29 -3.65
C GLY A 111 -3.47 -9.03 -4.45
N PHE A 112 -2.29 -8.42 -4.55
CA PHE A 112 -2.14 -7.11 -5.20
C PHE A 112 -2.43 -7.24 -6.71
N LYS A 113 -3.53 -6.65 -7.14
CA LYS A 113 -4.07 -6.90 -8.49
C LYS A 113 -3.18 -6.29 -9.62
N HIS A 114 -2.91 -5.02 -9.49
CA HIS A 114 -2.48 -4.24 -10.64
C HIS A 114 -1.04 -3.85 -10.47
N GLY A 115 -0.22 -4.17 -11.46
CA GLY A 115 1.17 -3.78 -11.32
C GLY A 115 1.99 -3.92 -12.59
N ILE A 116 3.23 -3.52 -12.47
CA ILE A 116 4.17 -3.52 -13.59
C ILE A 116 5.54 -3.83 -13.01
N ILE A 117 6.36 -4.58 -13.75
CA ILE A 117 7.74 -4.78 -13.31
C ILE A 117 8.62 -3.85 -14.08
N ALA A 118 9.40 -3.00 -13.39
CA ALA A 118 10.30 -2.09 -14.12
C ALA A 118 11.69 -2.69 -14.04
N LEU A 119 12.24 -3.04 -15.20
CA LEU A 119 13.59 -3.57 -15.27
C LEU A 119 14.53 -2.39 -15.44
N THR A 120 14.98 -1.87 -14.30
CA THR A 120 15.67 -0.60 -14.24
C THR A 120 17.13 -0.68 -14.70
N ARG A 121 17.79 0.49 -14.81
CA ARG A 121 19.20 0.57 -15.15
C ARG A 121 19.49 -0.06 -16.51
N SER A 122 18.57 0.09 -17.47
CA SER A 122 18.75 -0.55 -18.79
C SER A 122 20.06 -0.19 -19.48
N ASP A 123 20.55 1.01 -19.19
CA ASP A 123 21.79 1.47 -19.82
C ASP A 123 23.01 0.68 -19.35
N SER A 124 22.91 0.03 -18.19
CA SER A 124 23.98 -0.79 -17.66
C SER A 124 23.99 -2.25 -18.15
N THR A 125 23.11 -2.58 -19.09
CA THR A 125 22.95 -3.98 -19.50
C THR A 125 22.76 -4.05 -21.03
N HIS A 126 22.37 -5.21 -21.53
CA HIS A 126 22.22 -5.41 -22.97
C HIS A 126 20.92 -6.11 -23.24
N MSE A 127 20.35 -5.87 -24.43
CA MSE A 127 19.10 -6.49 -24.85
C MSE A 127 19.05 -8.00 -24.62
O MSE A 127 18.05 -8.53 -24.13
CB MSE A 127 18.80 -6.18 -26.31
CG MSE A 127 17.40 -6.58 -26.80
SE MSE A 127 15.92 -5.69 -25.83
CE MSE A 127 16.47 -3.83 -26.02
N HIS A 128 20.14 -8.71 -24.94
CA HIS A 128 20.11 -10.16 -24.78
C HIS A 128 20.06 -10.59 -23.32
N ALA A 129 20.66 -9.78 -22.46
CA ALA A 129 20.64 -10.05 -21.03
C ALA A 129 19.25 -9.70 -20.45
N ILE A 130 18.66 -8.62 -20.95
CA ILE A 130 17.32 -8.19 -20.55
C ILE A 130 16.30 -9.26 -20.93
N ASP A 131 16.41 -9.80 -22.15
CA ASP A 131 15.52 -10.89 -22.54
C ASP A 131 15.67 -12.14 -21.67
N GLU A 132 16.87 -12.41 -21.17
CA GLU A 132 17.10 -13.54 -20.29
C GLU A 132 16.52 -13.28 -18.92
N LEU A 133 16.60 -12.03 -18.46
CA LEU A 133 16.01 -11.68 -17.16
C LEU A 133 14.48 -11.75 -17.22
N LYS A 134 13.90 -11.30 -18.32
CA LYS A 134 12.44 -11.37 -18.51
C LYS A 134 11.95 -12.83 -18.56
N ALA A 135 12.64 -13.66 -19.34
CA ALA A 135 12.39 -15.12 -19.36
C ALA A 135 12.41 -15.71 -17.97
N LYS A 136 13.42 -15.38 -17.20
CA LYS A 136 13.50 -15.85 -15.83
C LYS A 136 12.29 -15.39 -15.03
N LEU A 137 11.90 -14.13 -15.19
CA LEU A 137 10.80 -13.58 -14.40
C LEU A 137 9.46 -14.22 -14.74
N LYS A 138 9.24 -14.52 -16.02
CA LYS A 138 8.07 -15.28 -16.40
C LYS A 138 7.92 -16.51 -15.49
N VAL A 139 9.05 -17.16 -15.16
CA VAL A 139 9.08 -18.35 -14.31
C VAL A 139 8.82 -18.11 -12.82
N ILE A 140 9.52 -17.14 -12.22
CA ILE A 140 9.38 -16.83 -10.80
C ILE A 140 7.96 -16.35 -10.48
N THR A 141 7.31 -15.69 -11.44
CA THR A 141 6.00 -15.05 -11.22
C THR A 141 4.83 -15.95 -11.66
N SER A 142 5.14 -17.08 -12.29
CA SER A 142 4.09 -18.02 -12.69
C SER A 142 3.28 -18.50 -11.50
N GLY A 143 1.95 -18.45 -11.60
CA GLY A 143 1.10 -18.89 -10.49
C GLY A 143 1.10 -17.90 -9.32
N THR A 144 1.44 -16.65 -9.59
CA THR A 144 1.33 -15.59 -8.57
C THR A 144 0.51 -14.44 -9.14
N VAL A 145 0.16 -13.44 -8.33
CA VAL A 145 -0.56 -12.28 -8.88
C VAL A 145 0.23 -11.47 -9.94
N LEU A 146 1.55 -11.64 -9.99
CA LEU A 146 2.43 -10.91 -10.95
C LEU A 146 2.52 -11.57 -12.30
N GLN A 147 1.88 -12.73 -12.42
CA GLN A 147 2.13 -13.57 -13.61
C GLN A 147 1.87 -12.87 -14.95
N ASP A 148 0.91 -11.94 -14.97
CA ASP A 148 0.61 -11.25 -16.23
C ASP A 148 1.04 -9.76 -16.21
N TRP A 149 1.84 -9.39 -15.21
CA TRP A 149 2.36 -8.02 -15.22
C TRP A 149 3.33 -7.83 -16.38
N GLU A 150 3.26 -6.67 -17.03
CA GLU A 150 4.24 -6.35 -18.07
C GLU A 150 5.60 -6.05 -17.45
N CYS A 151 6.67 -6.41 -18.14
CA CYS A 151 8.03 -6.04 -17.72
C CYS A 151 8.54 -5.00 -18.71
N ILE A 152 8.94 -3.85 -18.18
CA ILE A 152 9.37 -2.73 -19.02
C ILE A 152 10.81 -2.37 -18.71
N SER A 153 11.69 -2.51 -19.70
CA SER A 153 13.08 -2.12 -19.54
C SER A 153 13.21 -0.61 -19.66
N LEU A 154 13.88 0.00 -18.69
CA LEU A 154 13.97 1.47 -18.65
C LEU A 154 15.20 1.97 -17.88
N ASN A 155 15.50 3.25 -18.04
CA ASN A 155 16.49 3.89 -17.22
C ASN A 155 16.07 5.34 -17.01
N THR A 156 16.66 5.98 -16.02
CA THR A 156 16.41 7.39 -15.76
C THR A 156 17.76 8.14 -15.81
N ASN A 157 18.57 7.78 -16.80
CA ASN A 157 19.90 8.37 -17.02
C ASN A 157 19.91 9.25 -18.27
N LYS A 158 19.92 10.57 -18.08
CA LYS A 158 19.82 11.48 -19.24
C LYS A 158 21.08 11.45 -20.12
N SER A 159 22.15 10.86 -19.58
CA SER A 159 23.47 10.76 -20.21
C SER A 159 23.74 9.41 -20.88
N ALA A 160 22.80 8.48 -20.77
CA ALA A 160 22.95 7.17 -21.39
C ALA A 160 22.85 7.24 -22.92
N LYS A 161 23.34 6.21 -23.61
CA LYS A 161 23.16 6.10 -25.08
C LYS A 161 21.70 6.24 -25.46
N ASN A 162 20.83 5.68 -24.60
CA ASN A 162 19.40 5.67 -24.82
C ASN A 162 18.74 6.27 -23.58
N PRO A 163 18.79 7.61 -23.46
CA PRO A 163 18.42 8.28 -22.23
C PRO A 163 16.92 8.15 -21.98
N PHE A 164 16.57 7.69 -20.78
CA PHE A 164 15.17 7.59 -20.40
C PHE A 164 14.36 6.64 -21.28
N GLU A 165 15.05 5.71 -21.96
CA GLU A 165 14.28 4.71 -22.70
C GLU A 165 13.35 3.98 -21.72
N GLY A 166 12.18 3.61 -22.23
CA GLY A 166 11.21 2.84 -21.45
C GLY A 166 10.35 3.66 -20.48
N VAL A 167 10.78 4.87 -20.15
CA VAL A 167 10.00 5.69 -19.20
C VAL A 167 8.65 6.09 -19.79
N ASP A 168 8.66 6.53 -21.05
CA ASP A 168 7.40 6.86 -21.72
C ASP A 168 6.45 5.66 -21.75
N GLU A 169 6.98 4.47 -22.05
CA GLU A 169 6.18 3.24 -22.07
C GLU A 169 5.63 2.89 -20.69
N LEU A 170 6.44 3.07 -19.64
CA LEU A 170 5.96 2.88 -18.26
C LEU A 170 4.80 3.79 -17.94
N LYS A 171 4.96 5.06 -18.28
CA LYS A 171 3.92 6.04 -18.00
C LYS A 171 2.63 5.68 -18.73
N ALA A 172 2.78 5.23 -19.97
CA ALA A 172 1.64 4.85 -20.78
C ALA A 172 0.91 3.67 -20.15
N ARG A 173 1.68 2.68 -19.69
CA ARG A 173 1.08 1.50 -19.07
C ARG A 173 0.43 1.87 -17.75
N ILE A 174 1.08 2.74 -16.97
CA ILE A 174 0.49 3.20 -15.70
C ILE A 174 -0.87 3.83 -15.97
N ASN A 175 -0.92 4.73 -16.96
CA ASN A 175 -2.18 5.37 -17.33
C ASN A 175 -3.27 4.38 -17.77
N GLU A 176 -2.86 3.36 -18.53
CA GLU A 176 -3.75 2.30 -18.99
C GLU A 176 -4.35 1.53 -17.79
N VAL A 177 -3.49 1.15 -16.85
CA VAL A 177 -3.90 0.43 -15.65
C VAL A 177 -4.77 1.36 -14.78
N ALA A 178 -4.39 2.64 -14.69
CA ALA A 178 -5.11 3.62 -13.87
C ALA A 178 -6.57 3.76 -14.31
N GLU A 179 -6.79 3.63 -15.61
CA GLU A 179 -8.13 3.75 -16.19
C GLU A 179 -9.04 2.61 -15.71
N LYS A 180 -8.52 1.38 -15.71
CA LYS A 180 -9.21 0.22 -15.15
C LYS A 180 -9.51 0.38 -13.65
N ILE A 181 -8.54 0.87 -12.91
CA ILE A 181 -8.70 1.14 -11.48
C ILE A 181 -9.78 2.21 -11.19
N GLU A 182 -9.84 3.26 -11.99
CA GLU A 182 -10.85 4.28 -11.79
C GLU A 182 -12.26 3.66 -11.82
N ALA A 183 -12.47 2.73 -12.75
CA ALA A 183 -13.79 2.10 -12.90
C ALA A 183 -14.07 1.18 -11.70
N GLU A 184 -13.07 0.44 -11.25
CA GLU A 184 -13.19 -0.43 -10.07
C GLU A 184 -13.46 0.42 -8.84
N ASN A 185 -12.71 1.50 -8.68
CA ASN A 185 -12.96 2.39 -7.53
C ASN A 185 -14.35 3.05 -7.58
N ALA A 186 -14.81 3.41 -8.78
CA ALA A 186 -16.14 4.04 -8.90
C ALA A 186 -17.24 3.11 -8.37
N GLU A 187 -17.05 1.80 -8.46
CA GLU A 187 -18.04 0.83 -7.98
C GLU A 187 -18.16 0.91 -6.46
N LEU A 188 -17.08 1.36 -5.84
CA LEU A 188 -17.03 1.46 -4.37
C LEU A 188 -17.72 2.71 -3.87
N ASN A 189 -18.06 3.64 -4.75
CA ASN A 189 -18.62 4.93 -4.34
C ASN A 189 -19.92 4.78 -3.55
N SER A 190 -20.65 3.68 -3.77
CA SER A 190 -21.95 3.49 -3.15
C SER A 190 -21.88 2.98 -1.71
N LEU A 191 -20.68 2.63 -1.25
CA LEU A 191 -20.46 2.07 0.09
C LEU A 191 -20.33 3.17 1.07
N PRO A 192 -20.52 2.86 2.36
CA PRO A 192 -20.20 3.90 3.32
C PRO A 192 -18.71 4.33 3.25
N ALA A 193 -18.46 5.62 3.49
CA ALA A 193 -17.10 6.18 3.39
C ALA A 193 -16.14 5.68 4.45
N ARG A 194 -14.93 5.32 4.01
CA ARG A 194 -13.82 5.04 4.95
C ARG A 194 -12.58 5.73 4.42
N ILE A 195 -11.81 6.36 5.30
CA ILE A 195 -10.59 7.03 4.87
C ILE A 195 -9.49 6.55 5.78
N PHE A 196 -8.40 6.05 5.19
CA PHE A 196 -7.21 5.65 5.92
C PHE A 196 -6.26 6.82 6.03
N ILE A 197 -5.78 7.09 7.24
CA ILE A 197 -4.88 8.21 7.50
C ILE A 197 -3.41 7.76 7.45
N ASP A 198 -2.59 8.44 6.67
CA ASP A 198 -1.16 8.10 6.64
C ASP A 198 -0.25 9.12 7.32
N HIS A 199 -0.74 10.37 7.44
CA HIS A 199 0.00 11.43 8.13
C HIS A 199 -1.00 12.32 8.87
N ALA A 200 -0.57 12.89 10.00
CA ALA A 200 -1.37 13.88 10.72
C ALA A 200 -0.42 14.89 11.32
N PHE A 201 -0.68 16.17 11.09
CA PHE A 201 0.14 17.22 11.70
C PHE A 201 -0.69 18.48 11.95
N ASN A 202 -0.13 19.40 12.74
CA ASN A 202 -0.72 20.71 12.90
C ASN A 202 -0.24 21.66 11.82
N VAL A 203 -1.14 22.53 11.37
CA VAL A 203 -0.79 23.59 10.44
C VAL A 203 -1.21 24.91 11.09
N THR A 204 -0.28 25.85 11.18
CA THR A 204 -0.49 27.12 11.91
C THR A 204 -1.70 27.89 11.40
N GLY A 205 -2.59 28.23 12.33
CA GLY A 205 -3.82 28.98 12.02
C GLY A 205 -4.74 28.16 11.13
N LYS A 206 -4.64 26.84 11.29
CA LYS A 206 -5.25 25.87 10.39
C LYS A 206 -4.98 24.50 10.99
N GLY A 207 -5.50 24.30 12.21
CA GLY A 207 -5.16 23.18 13.09
C GLY A 207 -4.96 21.80 12.47
N CYS A 208 -5.73 20.83 12.96
CA CYS A 208 -5.51 19.40 12.66
C CYS A 208 -5.75 19.08 11.19
N VAL A 209 -4.67 18.67 10.53
CA VAL A 209 -4.71 18.24 9.13
C VAL A 209 -4.24 16.78 9.01
N VAL A 210 -5.00 15.97 8.28
CA VAL A 210 -4.59 14.60 8.01
C VAL A 210 -4.46 14.41 6.51
N LEU A 211 -3.54 13.53 6.14
CA LEU A 211 -3.39 13.12 4.75
C LEU A 211 -3.76 11.66 4.73
N GLY A 212 -4.49 11.25 3.68
CA GLY A 212 -4.82 9.85 3.57
C GLY A 212 -5.45 9.59 2.22
N VAL A 213 -6.14 8.46 2.15
CA VAL A 213 -6.80 8.05 0.93
C VAL A 213 -8.19 7.53 1.27
N VAL A 214 -9.17 7.87 0.43
CA VAL A 214 -10.51 7.36 0.56
C VAL A 214 -10.47 5.91 0.03
N LYS A 215 -10.73 4.96 0.92
CA LYS A 215 -10.72 3.52 0.55
C LYS A 215 -12.02 3.04 -0.11
N GLN A 216 -13.14 3.62 0.29
CA GLN A 216 -14.45 3.29 -0.28
C GLN A 216 -15.41 4.40 0.00
N GLY A 217 -16.51 4.44 -0.74
CA GLY A 217 -17.52 5.47 -0.60
C GLY A 217 -17.09 6.81 -1.18
N ILE A 218 -17.80 7.86 -0.78
CA ILE A 218 -17.44 9.22 -1.15
C ILE A 218 -17.46 10.05 0.11
N SER A 219 -16.30 10.58 0.49
CA SER A 219 -16.26 11.44 1.67
C SER A 219 -16.70 12.86 1.31
N LYS A 220 -17.48 13.53 2.15
CA LYS A 220 -17.98 14.86 1.79
C LYS A 220 -17.55 15.92 2.80
N ASP A 221 -17.29 17.12 2.30
CA ASP A 221 -16.94 18.26 3.16
C ASP A 221 -18.13 18.47 4.11
N LYS A 222 -17.81 18.70 5.40
CA LYS A 222 -18.78 18.92 6.47
C LYS A 222 -19.43 17.64 7.03
N ASP A 223 -18.98 16.47 6.56
CA ASP A 223 -19.47 15.21 7.10
C ASP A 223 -19.21 15.16 8.60
N LYS A 224 -20.18 14.64 9.34
CA LYS A 224 -19.97 14.39 10.77
C LYS A 224 -19.84 12.88 10.88
N THR A 225 -18.70 12.43 11.39
CA THR A 225 -18.37 11.02 11.32
C THR A 225 -17.51 10.72 12.52
N LYS A 226 -16.72 9.65 12.48
CA LYS A 226 -15.89 9.30 13.64
C LYS A 226 -14.47 8.99 13.22
N ILE A 227 -13.57 8.95 14.20
CA ILE A 227 -12.20 8.51 13.95
C ILE A 227 -11.92 7.33 14.88
N PHE A 228 -11.30 6.29 14.33
CA PHE A 228 -10.98 5.06 15.08
C PHE A 228 -9.48 4.82 15.02
N PRO A 229 -8.91 4.16 16.04
CA PRO A 229 -9.59 3.46 17.14
C PRO A 229 -10.03 4.31 18.33
N LEU A 230 -9.78 5.62 18.29
CA LEU A 230 -10.26 6.55 19.34
C LEU A 230 -11.76 6.40 19.65
N ASP A 231 -12.55 6.15 18.62
CA ASP A 231 -14.02 6.10 18.68
C ASP A 231 -14.57 7.45 19.16
N ARG A 232 -14.26 8.48 18.38
CA ARG A 232 -14.51 9.86 18.75
C ARG A 232 -15.23 10.58 17.61
N ASP A 233 -16.29 11.34 17.94
CA ASP A 233 -16.99 12.11 16.91
C ASP A 233 -16.10 13.23 16.39
N ILE A 234 -16.09 13.41 15.07
CA ILE A 234 -15.32 14.48 14.44
C ILE A 234 -16.16 15.07 13.31
N GLU A 235 -15.74 16.23 12.81
CA GLU A 235 -16.37 16.86 11.65
C GLU A 235 -15.27 17.11 10.63
N ILE A 236 -15.55 16.84 9.37
CA ILE A 236 -14.60 17.22 8.34
C ILE A 236 -14.83 18.70 7.98
N ARG A 237 -13.88 19.56 8.36
CA ARG A 237 -13.97 21.00 8.09
C ARG A 237 -13.68 21.38 6.64
N SER A 238 -12.79 20.64 5.99
CA SER A 238 -12.50 20.86 4.57
C SER A 238 -11.76 19.65 4.00
N ILE A 239 -11.81 19.49 2.68
CA ILE A 239 -11.09 18.40 2.01
C ILE A 239 -10.33 19.07 0.89
N GLN A 240 -9.04 18.75 0.77
CA GLN A 240 -8.21 19.26 -0.32
C GLN A 240 -7.69 18.13 -1.18
N SER A 241 -7.58 18.39 -2.48
CA SER A 241 -7.02 17.45 -3.42
C SER A 241 -5.97 18.22 -4.16
N HIS A 242 -4.72 17.77 -4.05
CA HIS A 242 -3.57 18.49 -4.58
C HIS A 242 -3.74 20.00 -4.36
N ASP A 243 -4.01 20.34 -3.10
CA ASP A 243 -3.99 21.71 -2.61
C ASP A 243 -5.20 22.61 -2.93
N VAL A 244 -6.21 22.06 -3.61
CA VAL A 244 -7.44 22.78 -3.94
C VAL A 244 -8.60 22.19 -3.13
N ASP A 245 -9.38 23.03 -2.45
CA ASP A 245 -10.56 22.57 -1.67
C ASP A 245 -11.58 21.94 -2.62
N ILE A 246 -12.17 20.82 -2.19
CA ILE A 246 -13.14 20.07 -3.00
C ILE A 246 -14.33 19.72 -2.12
N ASP A 247 -15.53 19.60 -2.69
CA ASP A 247 -16.74 19.29 -1.86
C ASP A 247 -16.86 17.80 -1.49
N SER A 248 -16.23 16.96 -2.30
CA SER A 248 -16.35 15.53 -2.11
C SER A 248 -15.16 14.81 -2.71
N ALA A 249 -14.89 13.65 -2.16
CA ALA A 249 -13.71 12.88 -2.53
C ALA A 249 -14.11 11.42 -2.66
N PRO A 250 -14.23 10.93 -3.90
CA PRO A 250 -14.67 9.54 -4.07
C PRO A 250 -13.56 8.53 -3.80
N ALA A 251 -13.93 7.23 -3.75
CA ALA A 251 -12.95 6.17 -3.50
C ALA A 251 -11.74 6.28 -4.43
N GLY A 252 -10.55 6.11 -3.85
CA GLY A 252 -9.31 6.23 -4.62
C GLY A 252 -8.67 7.59 -4.54
N THR A 253 -9.38 8.58 -3.99
CA THR A 253 -8.90 9.97 -3.94
C THR A 253 -7.92 10.15 -2.80
N ARG A 254 -6.72 10.65 -3.14
CA ARG A 254 -5.80 11.04 -2.10
C ARG A 254 -6.18 12.45 -1.58
N VAL A 255 -6.34 12.59 -0.27
CA VAL A 255 -6.87 13.80 0.34
C VAL A 255 -5.98 14.40 1.41
N GLY A 256 -6.14 15.71 1.59
CA GLY A 256 -5.76 16.37 2.84
C GLY A 256 -7.07 16.78 3.49
N MSE A 257 -7.18 16.70 4.81
CA MSE A 257 -8.46 17.04 5.45
C MSE A 257 -8.21 17.83 6.73
O MSE A 257 -7.38 17.46 7.53
CB MSE A 257 -9.26 15.79 5.81
CG MSE A 257 -9.73 15.01 4.61
SE MSE A 257 -10.83 13.51 5.23
CE MSE A 257 -11.65 13.11 3.49
N ARG A 258 -8.96 18.92 6.89
CA ARG A 258 -8.93 19.64 8.15
C ARG A 258 -10.02 19.01 9.01
N LEU A 259 -9.67 18.63 10.24
CA LEU A 259 -10.60 17.93 11.10
C LEU A 259 -10.93 18.74 12.34
N LYS A 260 -12.19 18.71 12.75
CA LYS A 260 -12.67 19.32 14.00
C LYS A 260 -12.90 18.26 15.07
N ASN A 261 -12.49 18.59 16.30
CA ASN A 261 -12.71 17.79 17.52
C ASN A 261 -11.66 16.72 17.78
N VAL A 262 -10.53 16.82 17.09
CA VAL A 262 -9.40 15.92 17.33
C VAL A 262 -8.09 16.66 17.10
N GLN A 263 -7.10 16.38 17.94
CA GLN A 263 -5.79 16.98 17.82
C GLN A 263 -4.83 16.05 17.10
N ALA A 264 -3.97 16.63 16.26
CA ALA A 264 -3.01 15.85 15.50
C ALA A 264 -2.15 14.97 16.42
N LYS A 265 -1.81 15.50 17.61
CA LYS A 265 -1.06 14.74 18.61
C LYS A 265 -1.70 13.39 18.99
N ASP A 266 -3.00 13.24 18.77
CA ASP A 266 -3.66 12.02 19.18
C ASP A 266 -3.98 11.07 18.03
N ILE A 267 -3.50 11.43 16.84
CA ILE A 267 -3.77 10.64 15.63
C ILE A 267 -2.48 9.98 15.17
N GLU A 268 -2.54 8.69 14.84
CA GLU A 268 -1.36 8.03 14.31
C GLU A 268 -1.65 7.53 12.89
N ARG A 269 -0.61 7.30 12.10
CA ARG A 269 -0.80 6.57 10.83
C ARG A 269 -1.56 5.29 11.12
N GLY A 270 -2.57 4.99 10.32
CA GLY A 270 -3.33 3.79 10.51
C GLY A 270 -4.71 4.01 11.10
N PHE A 271 -4.91 5.17 11.70
CA PHE A 271 -6.24 5.58 12.14
C PHE A 271 -7.21 5.66 10.95
N ILE A 272 -8.49 5.47 11.23
CA ILE A 272 -9.48 5.41 10.17
C ILE A 272 -10.61 6.39 10.43
N ILE A 273 -11.02 7.11 9.40
CA ILE A 273 -12.20 7.96 9.51
C ILE A 273 -13.34 7.18 8.90
N SER A 274 -14.39 6.92 9.69
CA SER A 274 -15.56 6.23 9.19
C SER A 274 -16.64 6.26 10.26
N ASP A 275 -17.86 5.83 9.94
CA ASP A 275 -18.92 5.84 10.95
C ASP A 275 -18.81 4.67 11.93
N LYS A 276 -18.14 3.59 11.52
CA LYS A 276 -18.07 2.37 12.34
C LYS A 276 -16.86 1.52 11.98
N GLU A 277 -16.05 1.15 12.99
CA GLU A 277 -14.98 0.17 12.84
C GLU A 277 -14.92 -0.77 14.01
N ILE A 278 -14.41 -1.98 13.79
CA ILE A 278 -14.07 -2.88 14.87
C ILE A 278 -12.81 -2.35 15.56
N VAL A 279 -12.80 -2.36 16.88
CA VAL A 279 -11.58 -1.98 17.60
C VAL A 279 -11.34 -3.09 18.60
N THR A 280 -10.17 -3.73 18.51
CA THR A 280 -9.82 -4.85 19.41
C THR A 280 -8.33 -4.88 19.65
N THR A 281 -7.92 -5.59 20.71
CA THR A 281 -6.50 -5.86 20.93
C THR A 281 -6.20 -7.33 20.63
N ASP A 282 -7.24 -8.14 20.45
CA ASP A 282 -7.11 -9.55 20.08
C ASP A 282 -7.78 -9.85 18.74
N TYR A 283 -7.27 -10.84 18.03
CA TYR A 283 -7.73 -11.18 16.70
C TYR A 283 -7.91 -12.68 16.51
N THR A 284 -8.95 -13.06 15.79
CA THR A 284 -9.14 -14.44 15.36
C THR A 284 -9.16 -14.36 13.84
N LEU A 285 -8.06 -14.82 13.23
CA LEU A 285 -7.89 -14.74 11.79
C LEU A 285 -7.88 -16.11 11.12
N GLU A 286 -8.64 -16.22 10.02
CA GLU A 286 -8.51 -17.35 9.12
C GLU A 286 -7.34 -17.03 8.20
N CYS A 287 -6.29 -17.84 8.26
CA CYS A 287 -4.99 -17.53 7.64
C CYS A 287 -4.55 -18.59 6.66
N THR A 288 -3.80 -18.13 5.66
CA THR A 288 -3.09 -18.96 4.72
C THR A 288 -1.61 -18.62 4.91
N VAL A 289 -0.83 -19.66 5.24
CA VAL A 289 0.58 -19.51 5.56
C VAL A 289 1.44 -19.64 4.32
N SER A 290 2.38 -18.71 4.17
CA SER A 290 3.34 -18.74 3.08
C SER A 290 4.04 -20.10 3.03
N LYS A 291 4.36 -20.56 1.84
CA LYS A 291 5.24 -21.73 1.70
C LYS A 291 6.69 -21.40 2.06
N PHE A 292 7.02 -20.11 2.15
CA PHE A 292 8.39 -19.69 2.34
C PHE A 292 8.60 -19.01 3.67
N THR A 293 8.09 -19.65 4.72
CA THR A 293 8.29 -19.20 6.11
C THR A 293 8.44 -20.44 7.02
N LYS A 294 8.63 -20.20 8.32
CA LYS A 294 8.78 -21.28 9.32
C LYS A 294 7.41 -21.67 9.86
N LYS A 295 7.25 -22.92 10.32
CA LYS A 295 6.01 -23.33 10.96
C LYS A 295 5.71 -22.35 12.10
N ILE A 296 4.43 -22.06 12.28
CA ILE A 296 3.97 -21.17 13.32
C ILE A 296 3.56 -22.05 14.49
N GLU A 297 3.95 -21.65 15.69
CA GLU A 297 3.68 -22.44 16.89
C GLU A 297 3.04 -21.57 17.96
N PRO A 298 2.24 -22.19 18.86
CA PRO A 298 1.65 -21.37 19.91
C PRO A 298 2.75 -20.73 20.73
N ALA A 299 2.43 -19.57 21.30
CA ALA A 299 3.38 -18.75 22.06
C ALA A 299 4.44 -18.04 21.25
N SER A 300 4.47 -18.23 19.94
CA SER A 300 5.43 -17.50 19.11
C SER A 300 5.00 -16.05 18.90
N VAL A 301 5.97 -15.21 18.56
CA VAL A 301 5.73 -13.78 18.36
C VAL A 301 5.75 -13.50 16.87
N LEU A 302 4.80 -12.70 16.42
CA LEU A 302 4.71 -12.29 15.01
C LEU A 302 4.48 -10.78 14.95
N HIS A 303 4.51 -10.22 13.76
CA HIS A 303 4.16 -8.81 13.57
C HIS A 303 2.93 -8.75 12.70
N LEU A 304 1.92 -8.00 13.13
CA LEU A 304 0.64 -7.97 12.41
C LEU A 304 0.48 -6.63 11.69
N PHE A 305 0.07 -6.69 10.43
CA PHE A 305 -0.23 -5.48 9.68
C PHE A 305 -1.68 -5.54 9.24
N VAL A 306 -2.43 -4.46 9.45
CA VAL A 306 -3.77 -4.37 8.91
C VAL A 306 -3.98 -2.91 8.61
N GLY A 307 -4.52 -2.60 7.44
CA GLY A 307 -4.59 -1.19 7.04
C GLY A 307 -3.21 -0.55 7.03
N LEU A 308 -3.06 0.58 7.72
CA LEU A 308 -1.73 1.17 7.86
C LEU A 308 -1.18 1.07 9.29
N GLN A 309 -1.70 0.09 10.03
CA GLN A 309 -1.27 -0.21 11.40
C GLN A 309 -0.36 -1.42 11.41
N SER A 310 0.55 -1.43 12.38
CA SER A 310 1.40 -2.60 12.60
C SER A 310 1.70 -2.72 14.07
N GLU A 311 1.70 -3.95 14.57
CA GLU A 311 2.15 -4.15 15.93
C GLU A 311 2.48 -5.62 16.22
N PRO A 312 3.34 -5.87 17.24
CA PRO A 312 3.69 -7.22 17.68
C PRO A 312 2.48 -7.94 18.27
N VAL A 313 2.35 -9.23 17.95
CA VAL A 313 1.30 -10.08 18.50
C VAL A 313 1.87 -11.44 18.94
N ARG A 314 1.16 -12.10 19.85
CA ARG A 314 1.53 -13.46 20.29
C ARG A 314 0.49 -14.46 19.78
N VAL A 315 0.94 -15.62 19.31
CA VAL A 315 0.01 -16.65 18.87
C VAL A 315 -0.49 -17.37 20.11
N GLU A 316 -1.79 -17.30 20.36
CA GLU A 316 -2.34 -17.92 21.56
C GLU A 316 -2.82 -19.35 21.30
N LYS A 317 -3.40 -19.56 20.11
CA LYS A 317 -4.05 -20.81 19.75
C LYS A 317 -4.02 -20.98 18.23
N ILE A 318 -3.80 -22.22 17.79
CA ILE A 318 -3.90 -22.57 16.38
C ILE A 318 -4.96 -23.65 16.21
N LEU A 319 -5.87 -23.47 15.24
CA LEU A 319 -6.91 -24.45 14.92
C LEU A 319 -6.96 -24.83 13.44
N VAL A 320 -7.27 -26.10 13.18
CA VAL A 320 -7.56 -26.59 11.82
C VAL A 320 -8.90 -27.35 11.83
N ASP A 321 -9.81 -26.99 10.93
CA ASP A 321 -11.14 -27.63 10.84
C ASP A 321 -11.93 -27.50 12.15
N GLY A 322 -11.48 -26.60 13.04
CA GLY A 322 -12.14 -26.37 14.32
C GLY A 322 -11.41 -27.02 15.49
N ASN A 323 -10.43 -27.85 15.18
CA ASN A 323 -9.68 -28.58 16.20
C ASN A 323 -8.30 -27.98 16.43
N GLU A 324 -7.89 -27.96 17.68
CA GLU A 324 -6.65 -27.33 18.08
C GLU A 324 -5.44 -28.18 17.75
N VAL A 325 -4.41 -27.53 17.22
CA VAL A 325 -3.19 -28.19 16.78
C VAL A 325 -1.96 -27.50 17.40
N GLU A 326 -0.80 -28.12 17.30
CA GLU A 326 0.42 -27.58 17.91
C GLU A 326 1.31 -26.75 16.96
N GLU A 327 0.92 -26.71 15.70
CA GLU A 327 1.71 -25.99 14.68
C GLU A 327 0.85 -25.74 13.46
N ALA A 328 1.17 -24.69 12.69
CA ALA A 328 0.64 -24.51 11.34
C ALA A 328 1.83 -24.54 10.40
N LYS A 329 1.89 -25.53 9.51
CA LYS A 329 3.08 -25.67 8.68
C LYS A 329 3.05 -24.62 7.56
N PRO A 330 4.24 -24.32 6.95
CA PRO A 330 4.27 -23.48 5.78
C PRO A 330 3.34 -24.06 4.74
N GLY A 331 2.58 -23.20 4.08
CA GLY A 331 1.71 -23.60 2.99
C GLY A 331 0.46 -24.30 3.47
N SER A 332 0.04 -24.04 4.70
CA SER A 332 -1.20 -24.59 5.22
C SER A 332 -2.21 -23.50 5.50
N THR A 333 -3.45 -23.90 5.76
CA THR A 333 -4.48 -22.95 6.17
C THR A 333 -4.88 -23.28 7.59
N CYS A 334 -5.11 -22.24 8.37
CA CYS A 334 -5.43 -22.40 9.79
C CYS A 334 -6.23 -21.22 10.29
N VAL A 335 -6.71 -21.34 11.53
CA VAL A 335 -7.22 -20.20 12.25
C VAL A 335 -6.20 -19.92 13.33
N LEU A 336 -5.79 -18.66 13.41
CA LEU A 336 -4.88 -18.21 14.46
C LEU A 336 -5.62 -17.30 15.44
N GLU A 337 -5.54 -17.62 16.73
CA GLU A 337 -6.05 -16.69 17.73
C GLU A 337 -4.86 -15.90 18.28
N LEU A 338 -4.88 -14.59 18.07
CA LEU A 338 -3.73 -13.74 18.36
C LEU A 338 -4.02 -12.71 19.43
N SER A 339 -3.00 -12.35 20.21
CA SER A 339 -3.15 -11.29 21.21
C SER A 339 -2.11 -10.19 21.05
N GLY A 340 -2.53 -8.94 21.24
CA GLY A 340 -1.61 -7.81 21.27
C GLY A 340 -1.93 -6.82 22.38
N ASN A 341 -1.16 -5.75 22.45
CA ASN A 341 -1.28 -4.75 23.50
C ASN A 341 -2.13 -3.54 23.12
N LYS A 342 -1.90 -3.00 21.92
CA LYS A 342 -2.58 -1.79 21.47
C LYS A 342 -3.86 -2.08 20.72
N LYS A 343 -4.83 -1.17 20.84
CA LYS A 343 -6.09 -1.30 20.13
C LYS A 343 -5.90 -0.94 18.67
N LEU A 344 -6.33 -1.82 17.77
CA LEU A 344 -6.30 -1.51 16.35
C LEU A 344 -7.71 -1.46 15.81
N ALA A 345 -7.90 -0.66 14.75
CA ALA A 345 -9.20 -0.43 14.11
C ALA A 345 -9.20 -1.17 12.76
N TYR A 346 -10.28 -1.85 12.48
CA TYR A 346 -10.41 -2.56 11.18
C TYR A 346 -11.85 -2.92 10.92
N SER A 347 -12.13 -3.28 9.67
CA SER A 347 -13.39 -3.87 9.31
C SER A 347 -13.05 -5.21 8.65
N LYS A 348 -14.05 -6.08 8.56
CA LYS A 348 -13.82 -7.47 8.14
C LYS A 348 -13.25 -7.58 6.74
N GLN A 349 -13.46 -6.56 5.92
CA GLN A 349 -12.91 -6.57 4.57
C GLN A 349 -11.40 -6.29 4.50
N ASP A 350 -10.81 -5.88 5.63
CA ASP A 350 -9.39 -5.56 5.65
C ASP A 350 -8.52 -6.81 5.73
N ARG A 351 -7.62 -6.98 4.75
CA ARG A 351 -6.70 -8.11 4.78
C ARG A 351 -5.61 -7.85 5.81
N PHE A 352 -5.35 -8.85 6.65
CA PHE A 352 -4.24 -8.82 7.60
C PHE A 352 -3.00 -9.48 6.99
N LEU A 353 -1.81 -8.97 7.30
CA LEU A 353 -0.57 -9.70 6.99
C LEU A 353 0.11 -10.05 8.29
N LEU A 354 0.73 -11.21 8.35
CA LEU A 354 1.59 -11.56 9.46
C LEU A 354 3.03 -11.74 9.02
N ALA A 355 3.95 -11.25 9.83
CA ALA A 355 5.38 -11.35 9.53
C ALA A 355 6.22 -11.79 10.71
N ASN A 356 7.40 -12.32 10.42
CA ASN A 356 8.38 -12.59 11.45
C ASN A 356 9.59 -11.75 11.11
N LEU A 357 9.80 -10.70 11.90
CA LEU A 357 10.78 -9.67 11.58
C LEU A 357 12.21 -10.15 11.67
N ASP A 358 12.41 -11.33 12.27
CA ASP A 358 13.74 -11.89 12.51
C ASP A 358 14.20 -12.84 11.40
N LEU A 359 13.31 -13.11 10.45
CA LEU A 359 13.63 -14.00 9.31
C LEU A 359 14.25 -13.23 8.15
N THR A 360 14.70 -13.97 7.12
CA THR A 360 15.26 -13.35 5.93
C THR A 360 14.14 -12.92 5.01
N GLN A 361 13.26 -13.86 4.73
CA GLN A 361 12.02 -13.57 4.05
C GLN A 361 11.02 -13.41 5.19
N ARG A 362 10.53 -12.20 5.39
CA ARG A 362 9.83 -11.88 6.63
C ARG A 362 8.33 -12.09 6.60
N PHE A 363 7.72 -12.26 5.43
CA PHE A 363 6.26 -12.43 5.41
C PHE A 363 5.84 -13.85 5.68
N ALA A 364 4.91 -14.01 6.61
CA ALA A 364 4.49 -15.31 7.10
C ALA A 364 3.14 -15.80 6.57
N ALA A 365 2.18 -14.90 6.38
CA ALA A 365 0.81 -15.29 6.13
C ALA A 365 -0.05 -14.10 5.83
N TYR A 366 -1.21 -14.35 5.21
CA TYR A 366 -2.27 -13.36 5.18
C TYR A 366 -3.46 -13.99 5.85
N GLY A 367 -4.39 -13.16 6.28
CA GLY A 367 -5.57 -13.66 6.96
C GLY A 367 -6.69 -12.64 6.97
N PHE A 368 -7.87 -13.10 7.39
CA PHE A 368 -9.02 -12.21 7.54
C PHE A 368 -9.70 -12.51 8.84
N SER A 369 -10.28 -11.47 9.43
CA SER A 369 -10.94 -11.58 10.75
C SER A 369 -12.18 -12.43 10.63
N LYS A 370 -12.25 -13.42 11.52
CA LYS A 370 -13.36 -14.36 11.67
C LYS A 370 -14.54 -13.68 12.34
PG GNP B . 18.41 2.44 -2.12
O1G GNP B . 19.69 2.97 -1.50
O2G GNP B . 18.15 0.96 -1.95
O3G GNP B . 17.33 3.37 -1.61
N3B GNP B . 18.52 2.69 -3.69
PB GNP B . 17.28 2.70 -4.70
O1B GNP B . 16.38 3.82 -4.39
O2B GNP B . 16.74 1.34 -4.86
O3A GNP B . 17.89 3.06 -6.06
PA GNP B . 18.54 4.42 -6.35
O1A GNP B . 19.18 4.95 -5.11
O2A GNP B . 17.59 5.29 -7.08
O5' GNP B . 19.70 4.05 -7.36
C5' GNP B . 20.78 3.20 -6.94
C4' GNP B . 22.05 3.64 -7.63
O4' GNP B . 21.95 3.33 -9.05
C3' GNP B . 22.39 5.13 -7.52
O3' GNP B . 23.79 5.32 -7.35
C2' GNP B . 21.87 5.70 -8.85
O2' GNP B . 22.52 6.86 -9.33
C1' GNP B . 22.05 4.51 -9.81
N9 GNP B . 21.01 4.53 -10.84
C8 GNP B . 19.66 4.73 -10.63
N7 GNP B . 18.96 4.73 -11.72
C5 GNP B . 19.88 4.53 -12.74
C6 GNP B . 19.70 4.45 -14.14
O6 GNP B . 18.64 4.54 -14.75
N1 GNP B . 20.90 4.24 -14.85
C2 GNP B . 22.14 4.14 -14.24
N2 GNP B . 23.18 3.97 -15.05
N3 GNP B . 22.32 4.23 -12.91
C4 GNP B . 21.17 4.43 -12.22
MG MG C . 14.39 3.70 -2.18
#